data_6SPV
#
_entry.id   6SPV
#
_cell.length_a   50.380
_cell.length_b   50.380
_cell.length_c   178.270
_cell.angle_alpha   90.000
_cell.angle_beta   90.000
_cell.angle_gamma   90.000
#
_symmetry.space_group_name_H-M   'I 41'
#
loop_
_entity.id
_entity.type
_entity.pdbx_description
1 polymer 'Disks large homolog 4'
2 non-polymer GLUTATHIONE
3 water water
#
_entity_poly.entity_id   1
_entity_poly.type   'polypeptide(L)'
_entity_poly.pdbx_seq_one_letter_code
;GPNGTEGEMEYEEITLERGNSGLGFSIAGGTDNPHIGDDPSIFITKIIPGGAAAQDGRLRVNDSILFVNEVDVREVTHSA
AVEALKEAGSIVRLYVMRRKPPAEKVMEIKLIKGPKGLGFSIAGGVGNQHIPGDNSIYVTKIIEGGAAHKDGRLQIGDKI
LAVNSVGLEDVMHEDAVAALKNTYDVVYLKVAKPSNA
;
_entity_poly.pdbx_strand_id   A
#
loop_
_chem_comp.id
_chem_comp.type
_chem_comp.name
_chem_comp.formula
GSH non-polymer GLUTATHIONE 'C10 H17 N3 O6 S'
#
# COMPACT_ATOMS: atom_id res chain seq x y z
N GLU A 6 -3.72 17.35 -2.93
CA GLU A 6 -3.62 16.78 -1.55
C GLU A 6 -4.66 17.38 -0.62
N GLY A 7 -5.44 16.50 0.03
CA GLY A 7 -6.50 16.92 0.95
C GLY A 7 -7.82 17.21 0.25
N GLU A 8 -7.76 17.35 -1.07
CA GLU A 8 -8.97 17.55 -1.87
C GLU A 8 -9.77 16.25 -2.00
N MET A 9 -11.10 16.39 -1.98
CA MET A 9 -12.01 15.24 -2.03
CA MET A 9 -12.02 15.26 -2.04
C MET A 9 -12.08 14.67 -3.46
N GLU A 10 -12.05 13.34 -3.54
CA GLU A 10 -12.15 12.66 -4.83
C GLU A 10 -13.09 11.46 -4.75
N TYR A 11 -13.70 11.12 -5.88
CA TYR A 11 -14.69 10.03 -5.98
C TYR A 11 -14.20 8.96 -6.92
N GLU A 12 -14.51 7.70 -6.60
CA GLU A 12 -14.03 6.56 -7.39
C GLU A 12 -15.03 5.41 -7.39
N GLU A 13 -15.26 4.86 -8.58
CA GLU A 13 -16.00 3.61 -8.74
C GLU A 13 -15.02 2.44 -8.62
N ILE A 14 -15.29 1.55 -7.66
CA ILE A 14 -14.50 0.34 -7.43
C ILE A 14 -15.42 -0.90 -7.40
N THR A 15 -15.25 -1.76 -8.40
CA THR A 15 -15.97 -3.04 -8.48
C THR A 15 -15.06 -4.16 -7.96
N LEU A 16 -15.58 -4.93 -7.01
CA LEU A 16 -14.84 -6.06 -6.42
C LEU A 16 -15.55 -7.40 -6.65
N GLU A 17 -14.77 -8.46 -6.82
CA GLU A 17 -15.31 -9.81 -6.86
C GLU A 17 -15.13 -10.47 -5.50
N ARG A 18 -16.25 -10.84 -4.88
CA ARG A 18 -16.26 -11.48 -3.56
C ARG A 18 -15.42 -12.76 -3.55
N GLY A 19 -14.47 -12.84 -2.64
CA GLY A 19 -13.64 -14.03 -2.44
C GLY A 19 -14.29 -15.00 -1.47
N ASN A 20 -13.53 -16.03 -1.06
CA ASN A 20 -14.00 -17.02 -0.09
C ASN A 20 -14.29 -16.41 1.28
N SER A 21 -13.53 -15.37 1.62
CA SER A 21 -13.63 -14.69 2.92
C SER A 21 -14.30 -13.31 2.80
N GLY A 22 -15.22 -13.18 1.85
CA GLY A 22 -15.94 -11.92 1.64
C GLY A 22 -15.18 -10.91 0.79
N LEU A 23 -15.44 -9.63 1.03
CA LEU A 23 -14.89 -8.57 0.20
C LEU A 23 -13.51 -8.11 0.70
N GLY A 24 -13.16 -8.52 1.92
CA GLY A 24 -11.86 -8.27 2.52
C GLY A 24 -11.64 -6.86 3.02
N PHE A 25 -12.64 -6.30 3.69
CA PHE A 25 -12.50 -5.04 4.41
C PHE A 25 -13.48 -4.96 5.57
N SER A 26 -13.12 -4.20 6.59
CA SER A 26 -14.02 -3.95 7.72
C SER A 26 -14.50 -2.51 7.66
N ILE A 27 -15.68 -2.26 8.22
CA ILE A 27 -16.28 -0.92 8.20
C ILE A 27 -16.71 -0.44 9.59
N ALA A 28 -16.82 0.88 9.75
CA ALA A 28 -17.41 1.48 10.93
C ALA A 28 -18.27 2.66 10.52
N GLY A 29 -19.03 3.21 11.46
CA GLY A 29 -19.85 4.38 11.20
C GLY A 29 -21.32 4.09 11.00
N GLY A 30 -22.03 5.06 10.44
CA GLY A 30 -23.49 4.99 10.30
C GLY A 30 -24.18 6.00 11.21
N THR A 31 -25.50 6.06 11.10
CA THR A 31 -26.31 6.94 11.96
C THR A 31 -26.35 6.39 13.40
N ASP A 32 -26.08 5.10 13.55
CA ASP A 32 -25.97 4.44 14.85
C ASP A 32 -24.88 5.09 15.69
N ASN A 33 -23.64 4.90 15.26
CA ASN A 33 -22.49 5.49 15.92
C ASN A 33 -21.56 6.17 14.91
N PRO A 34 -21.78 7.47 14.66
CA PRO A 34 -20.92 8.25 13.77
C PRO A 34 -19.44 8.11 14.15
N HIS A 35 -18.60 7.85 13.15
CA HIS A 35 -17.18 7.59 13.35
C HIS A 35 -16.37 8.88 13.50
N ILE A 36 -16.77 9.92 12.77
CA ILE A 36 -16.17 11.26 12.89
C ILE A 36 -17.23 12.29 13.26
N GLY A 37 -17.07 12.90 14.44
CA GLY A 37 -17.99 13.93 14.93
C GLY A 37 -19.46 13.61 14.70
N ASP A 38 -20.10 14.40 13.83
CA ASP A 38 -21.51 14.21 13.49
C ASP A 38 -21.68 13.72 12.05
N ASP A 39 -20.63 13.08 11.54
CA ASP A 39 -20.60 12.52 10.19
C ASP A 39 -21.02 11.06 10.25
N PRO A 40 -22.20 10.72 9.68
CA PRO A 40 -22.71 9.36 9.78
C PRO A 40 -22.25 8.43 8.64
N SER A 41 -21.30 8.88 7.82
CA SER A 41 -20.80 8.08 6.68
C SER A 41 -20.26 6.71 7.10
N ILE A 42 -20.33 5.76 6.19
CA ILE A 42 -19.74 4.43 6.35
C ILE A 42 -18.27 4.46 5.90
N PHE A 43 -17.35 4.20 6.85
CA PHE A 43 -15.90 4.29 6.63
C PHE A 43 -15.22 2.93 6.60
N ILE A 44 -14.24 2.79 5.72
CA ILE A 44 -13.38 1.60 5.70
C ILE A 44 -12.38 1.79 6.84
N THR A 45 -12.31 0.80 7.74
CA THR A 45 -11.37 0.85 8.89
C THR A 45 -10.17 -0.08 8.72
N LYS A 46 -10.34 -1.10 7.88
CA LYS A 46 -9.29 -2.11 7.73
C LYS A 46 -9.38 -2.79 6.37
N ILE A 47 -8.22 -2.93 5.72
CA ILE A 47 -8.09 -3.76 4.52
C ILE A 47 -7.47 -5.09 4.96
N ILE A 48 -8.18 -6.18 4.72
CA ILE A 48 -7.73 -7.52 5.17
C ILE A 48 -6.61 -8.04 4.28
N PRO A 49 -5.45 -8.41 4.87
CA PRO A 49 -4.33 -8.98 4.12
C PRO A 49 -4.77 -10.15 3.23
N GLY A 50 -4.36 -10.12 1.96
CA GLY A 50 -4.64 -11.22 1.03
C GLY A 50 -6.08 -11.33 0.52
N GLY A 51 -6.99 -10.49 1.03
CA GLY A 51 -8.37 -10.48 0.60
C GLY A 51 -8.61 -9.77 -0.73
N ALA A 52 -9.85 -9.81 -1.21
CA ALA A 52 -10.24 -9.23 -2.50
C ALA A 52 -9.91 -7.74 -2.67
N ALA A 53 -10.25 -6.92 -1.67
CA ALA A 53 -9.93 -5.49 -1.71
C ALA A 53 -8.43 -5.23 -1.74
N ALA A 54 -7.66 -6.03 -0.98
CA ALA A 54 -6.20 -5.91 -0.97
C ALA A 54 -5.56 -6.25 -2.32
N GLN A 55 -5.99 -7.35 -2.93
CA GLN A 55 -5.48 -7.77 -4.25
C GLN A 55 -5.80 -6.74 -5.35
N ASP A 56 -6.96 -6.10 -5.23
CA ASP A 56 -7.42 -5.14 -6.22
C ASP A 56 -6.69 -3.81 -6.07
N GLY A 57 -6.30 -3.48 -4.84
CA GLY A 57 -5.39 -2.36 -4.58
C GLY A 57 -5.91 -0.96 -4.85
N ARG A 58 -7.23 -0.77 -4.84
CA ARG A 58 -7.81 0.56 -5.05
C ARG A 58 -8.44 1.15 -3.79
N LEU A 59 -9.13 0.30 -3.02
CA LEU A 59 -9.78 0.72 -1.77
C LEU A 59 -8.74 1.05 -0.69
N ARG A 60 -9.04 2.07 0.11
CA ARG A 60 -8.11 2.58 1.12
C ARG A 60 -8.82 2.75 2.44
N VAL A 61 -8.09 2.53 3.54
CA VAL A 61 -8.58 2.88 4.88
C VAL A 61 -9.02 4.34 4.89
N ASN A 62 -10.15 4.59 5.53
CA ASN A 62 -10.78 5.92 5.63
C ASN A 62 -11.56 6.40 4.41
N ASP A 63 -11.66 5.56 3.37
CA ASP A 63 -12.63 5.80 2.27
C ASP A 63 -14.05 5.76 2.82
N SER A 64 -14.91 6.66 2.35
CA SER A 64 -16.36 6.61 2.64
C SER A 64 -17.11 5.92 1.51
N ILE A 65 -17.89 4.89 1.83
CA ILE A 65 -18.75 4.22 0.84
C ILE A 65 -20.05 5.02 0.74
N LEU A 66 -20.38 5.44 -0.47
CA LEU A 66 -21.59 6.21 -0.74
C LEU A 66 -22.69 5.33 -1.29
N PHE A 67 -22.33 4.44 -2.22
CA PHE A 67 -23.28 3.53 -2.86
C PHE A 67 -22.72 2.11 -2.93
N VAL A 68 -23.61 1.14 -2.71
CA VAL A 68 -23.28 -0.27 -2.91
C VAL A 68 -24.27 -0.73 -3.97
N ASN A 69 -23.78 -1.05 -5.16
CA ASN A 69 -24.65 -1.24 -6.33
C ASN A 69 -25.63 -0.07 -6.41
N GLU A 70 -26.94 -0.34 -6.33
CA GLU A 70 -27.99 0.69 -6.40
C GLU A 70 -28.53 1.12 -5.02
N VAL A 71 -27.87 0.68 -3.95
CA VAL A 71 -28.27 1.01 -2.57
C VAL A 71 -27.51 2.24 -2.07
N ASP A 72 -28.24 3.25 -1.62
CA ASP A 72 -27.67 4.51 -1.11
C ASP A 72 -27.32 4.34 0.36
N VAL A 73 -26.03 4.36 0.69
CA VAL A 73 -25.61 4.15 2.08
C VAL A 73 -24.98 5.41 2.70
N ARG A 74 -25.37 6.58 2.19
CA ARG A 74 -24.81 7.84 2.66
C ARG A 74 -25.28 8.22 4.07
N GLU A 75 -26.53 7.89 4.38
CA GLU A 75 -27.09 8.09 5.71
C GLU A 75 -27.93 6.88 6.13
N VAL A 76 -27.24 5.81 6.53
CA VAL A 76 -27.91 4.58 7.00
C VAL A 76 -27.28 4.10 8.31
N THR A 77 -27.88 3.09 8.93
CA THR A 77 -27.32 2.50 10.14
C THR A 77 -26.16 1.55 9.79
N HIS A 78 -25.34 1.23 10.79
CA HIS A 78 -24.23 0.30 10.59
C HIS A 78 -24.73 -1.05 10.12
N SER A 79 -25.80 -1.52 10.76
CA SER A 79 -26.48 -2.75 10.39
C SER A 79 -27.00 -2.76 8.94
N ALA A 80 -27.62 -1.67 8.52
CA ALA A 80 -28.12 -1.54 7.14
C ALA A 80 -26.99 -1.56 6.10
N ALA A 81 -25.80 -1.10 6.50
CA ALA A 81 -24.61 -1.14 5.64
C ALA A 81 -24.08 -2.57 5.47
N VAL A 82 -23.90 -3.27 6.58
CA VAL A 82 -23.47 -4.68 6.57
C VAL A 82 -24.43 -5.54 5.74
N GLU A 83 -25.73 -5.33 5.92
CA GLU A 83 -26.77 -6.02 5.14
C GLU A 83 -26.59 -5.76 3.64
N ALA A 84 -26.46 -4.49 3.26
CA ALA A 84 -26.27 -4.08 1.87
C ALA A 84 -25.06 -4.76 1.21
N LEU A 85 -23.97 -4.88 1.96
CA LEU A 85 -22.73 -5.48 1.47
C LEU A 85 -22.82 -7.00 1.40
N LYS A 86 -23.39 -7.62 2.43
CA LYS A 86 -23.64 -9.06 2.44
C LYS A 86 -24.57 -9.49 1.28
N GLU A 87 -25.55 -8.65 0.95
CA GLU A 87 -26.59 -8.98 -0.04
C GLU A 87 -26.28 -8.59 -1.49
N ALA A 88 -25.12 -7.96 -1.71
CA ALA A 88 -24.76 -7.37 -3.00
C ALA A 88 -24.33 -8.36 -4.07
N GLY A 89 -24.21 -9.64 -3.72
CA GLY A 89 -23.84 -10.69 -4.67
C GLY A 89 -22.34 -10.88 -4.88
N SER A 90 -22.00 -11.61 -5.94
CA SER A 90 -20.61 -11.98 -6.25
C SER A 90 -19.79 -10.81 -6.74
N ILE A 91 -20.44 -9.91 -7.48
CA ILE A 91 -19.77 -8.76 -8.11
C ILE A 91 -20.33 -7.45 -7.54
N VAL A 92 -19.53 -6.77 -6.74
CA VAL A 92 -20.02 -5.65 -5.94
C VAL A 92 -19.49 -4.32 -6.44
N ARG A 93 -20.40 -3.42 -6.79
CA ARG A 93 -20.04 -2.12 -7.35
C ARG A 93 -20.10 -1.03 -6.29
N LEU A 94 -18.93 -0.55 -5.88
CA LEU A 94 -18.84 0.46 -4.84
C LEU A 94 -18.56 1.84 -5.42
N TYR A 95 -19.17 2.86 -4.85
CA TYR A 95 -18.84 4.24 -5.18
C TYR A 95 -18.40 4.89 -3.89
N VAL A 96 -17.14 5.35 -3.88
CA VAL A 96 -16.51 5.82 -2.66
C VAL A 96 -16.00 7.27 -2.77
N MET A 97 -15.70 7.87 -1.61
CA MET A 97 -15.13 9.21 -1.53
CA MET A 97 -15.17 9.22 -1.52
C MET A 97 -13.98 9.19 -0.56
N ARG A 98 -12.91 9.90 -0.91
CA ARG A 98 -11.74 10.04 -0.04
C ARG A 98 -11.10 11.42 -0.19
N ARG A 99 -10.39 11.85 0.85
CA ARG A 99 -9.48 12.99 0.75
C ARG A 99 -8.21 12.48 0.12
N LYS A 100 -7.72 13.17 -0.90
CA LYS A 100 -6.49 12.76 -1.59
C LYS A 100 -5.32 12.71 -0.61
N PRO A 101 -4.58 11.59 -0.61
CA PRO A 101 -3.47 11.38 0.33
C PRO A 101 -2.28 12.30 0.03
N PRO A 102 -1.40 12.54 1.04
CA PRO A 102 -0.17 13.32 0.81
C PRO A 102 0.72 12.73 -0.29
N ALA A 103 1.31 13.62 -1.08
CA ALA A 103 2.21 13.22 -2.16
C ALA A 103 3.57 12.78 -1.61
N GLU A 104 4.23 11.87 -2.33
CA GLU A 104 5.51 11.31 -1.89
C GLU A 104 6.69 11.96 -2.64
N LYS A 105 7.82 12.06 -1.95
CA LYS A 105 9.05 12.61 -2.53
C LYS A 105 9.82 11.52 -3.27
N VAL A 106 9.99 11.69 -4.58
CA VAL A 106 10.75 10.76 -5.40
C VAL A 106 12.20 11.23 -5.53
N MET A 107 13.14 10.31 -5.30
CA MET A 107 14.54 10.65 -5.13
C MET A 107 15.43 9.54 -5.69
N GLU A 108 16.47 9.93 -6.45
CA GLU A 108 17.46 8.99 -6.96
C GLU A 108 18.69 8.94 -6.05
N ILE A 109 18.99 7.74 -5.53
CA ILE A 109 20.08 7.54 -4.56
C ILE A 109 21.17 6.65 -5.16
N LYS A 110 22.41 7.12 -5.05
CA LYS A 110 23.57 6.39 -5.53
C LYS A 110 24.29 5.72 -4.36
N LEU A 111 24.38 4.39 -4.39
CA LEU A 111 25.06 3.63 -3.34
C LEU A 111 26.27 2.85 -3.84
N ILE A 112 27.36 2.92 -3.08
CA ILE A 112 28.53 2.09 -3.29
C ILE A 112 28.46 1.02 -2.21
N LYS A 113 28.56 -0.25 -2.63
N LYS A 113 28.55 -0.25 -2.61
CA LYS A 113 28.49 -1.39 -1.71
CA LYS A 113 28.49 -1.37 -1.66
C LYS A 113 29.60 -1.36 -0.66
C LYS A 113 29.85 -2.06 -1.51
N GLY A 114 29.26 -1.76 0.56
N GLY A 114 29.82 -3.31 -1.06
CA GLY A 114 30.26 -1.95 1.60
CA GLY A 114 31.05 -4.08 -0.87
C GLY A 114 30.67 -3.41 1.57
C GLY A 114 30.74 -5.47 -0.35
N PRO A 115 31.43 -3.86 2.59
N PRO A 115 31.54 -5.94 0.63
CA PRO A 115 31.84 -5.25 2.63
CA PRO A 115 31.22 -7.19 1.31
C PRO A 115 30.67 -6.22 2.55
C PRO A 115 29.97 -6.97 2.15
N LYS A 116 29.47 -5.76 2.91
N LYS A 116 29.82 -5.75 2.65
CA LYS A 116 28.28 -6.64 2.94
CA LYS A 116 28.58 -5.30 3.26
C LYS A 116 27.09 -6.10 2.14
C LYS A 116 27.70 -4.76 2.15
N GLY A 117 27.37 -5.46 1.00
N GLY A 117 27.91 -5.31 0.95
CA GLY A 117 26.31 -5.03 0.12
CA GLY A 117 27.20 -4.88 -0.25
C GLY A 117 25.84 -3.59 0.36
C GLY A 117 26.02 -3.98 0.04
N LEU A 118 24.56 -3.35 0.05
N LEU A 118 24.88 -4.28 -0.58
CA LEU A 118 23.98 -2.01 0.14
CA LEU A 118 23.67 -3.50 -0.39
C LEU A 118 23.54 -1.65 1.56
C LEU A 118 23.51 -3.10 1.07
N GLY A 119 23.45 -2.64 2.43
N GLY A 119 23.17 -4.08 1.91
CA GLY A 119 23.08 -2.39 3.82
CA GLY A 119 23.07 -3.84 3.35
C GLY A 119 21.61 -2.10 4.04
C GLY A 119 21.71 -3.33 3.79
N PHE A 120 20.75 -2.86 3.38
N PHE A 120 20.66 -3.76 3.12
CA PHE A 120 19.31 -2.79 3.66
CA PHE A 120 19.30 -3.45 3.56
C PHE A 120 18.53 -4.02 3.17
C PHE A 120 18.35 -4.61 3.27
N SER A 121 17.40 -4.28 3.83
N SER A 121 17.26 -4.66 4.04
CA SER A 121 16.54 -5.42 3.49
CA SER A 121 16.27 -5.71 3.88
C SER A 121 15.23 -4.93 2.90
C SER A 121 14.99 -5.14 3.28
N ILE A 122 14.47 -5.82 2.27
CA ILE A 122 13.21 -5.43 1.60
C ILE A 122 12.07 -6.42 1.88
N ALA A 123 10.83 -5.92 1.76
CA ALA A 123 9.61 -6.74 1.81
C ALA A 123 8.58 -6.19 0.84
N GLY A 124 7.55 -6.98 0.56
CA GLY A 124 6.51 -6.58 -0.40
C GLY A 124 6.59 -7.39 -1.69
N GLY A 125 5.74 -7.02 -2.65
CA GLY A 125 5.65 -7.75 -3.91
C GLY A 125 4.22 -8.22 -4.14
N VAL A 126 3.91 -8.59 -5.39
CA VAL A 126 2.61 -9.17 -5.76
C VAL A 126 2.42 -10.50 -5.03
N GLY A 127 1.26 -10.67 -4.40
CA GLY A 127 0.95 -11.87 -3.60
C GLY A 127 1.72 -11.96 -2.29
N ASN A 128 2.44 -10.89 -1.95
CA ASN A 128 3.27 -10.83 -0.75
C ASN A 128 3.30 -9.39 -0.21
N GLN A 129 2.13 -8.78 -0.14
CA GLN A 129 1.98 -7.34 0.18
C GLN A 129 2.48 -7.00 1.58
N HIS A 130 3.24 -5.91 1.70
CA HIS A 130 3.80 -5.48 2.98
C HIS A 130 2.80 -4.60 3.73
N ILE A 131 2.08 -3.78 2.96
CA ILE A 131 0.91 -3.05 3.44
C ILE A 131 -0.25 -3.52 2.57
N PRO A 132 -1.36 -3.97 3.21
CA PRO A 132 -2.53 -4.43 2.44
C PRO A 132 -3.04 -3.40 1.42
N GLY A 133 -3.09 -3.82 0.14
CA GLY A 133 -3.53 -2.96 -0.95
C GLY A 133 -2.40 -2.39 -1.78
N ASP A 134 -1.16 -2.77 -1.47
CA ASP A 134 0.00 -2.17 -2.12
C ASP A 134 1.06 -3.25 -2.44
N ASN A 135 1.36 -3.40 -3.72
CA ASN A 135 2.35 -4.38 -4.19
C ASN A 135 3.82 -3.91 -4.15
N SER A 136 4.04 -2.68 -3.73
CA SER A 136 5.39 -2.07 -3.78
C SER A 136 6.43 -2.79 -2.94
N ILE A 137 7.69 -2.61 -3.31
CA ILE A 137 8.82 -3.11 -2.57
C ILE A 137 9.20 -2.05 -1.52
N TYR A 138 9.19 -2.46 -0.25
CA TYR A 138 9.48 -1.57 0.87
C TYR A 138 10.80 -1.95 1.54
N VAL A 139 11.54 -0.95 2.01
CA VAL A 139 12.70 -1.14 2.89
C VAL A 139 12.19 -1.42 4.30
N THR A 140 12.68 -2.49 4.91
CA THR A 140 12.21 -2.93 6.23
C THR A 140 13.29 -2.83 7.28
N LYS A 141 14.54 -3.00 6.87
CA LYS A 141 15.68 -2.90 7.77
C LYS A 141 16.83 -2.21 7.07
N ILE A 142 17.55 -1.38 7.82
CA ILE A 142 18.81 -0.82 7.38
C ILE A 142 19.88 -1.30 8.35
N ILE A 143 20.87 -2.01 7.82
CA ILE A 143 21.91 -2.65 8.62
C ILE A 143 22.86 -1.61 9.21
N GLU A 144 23.15 -1.76 10.50
CA GLU A 144 24.07 -0.88 11.23
CA GLU A 144 24.07 -0.86 11.20
C GLU A 144 25.41 -0.75 10.49
N GLY A 145 25.86 0.49 10.30
CA GLY A 145 27.15 0.78 9.65
C GLY A 145 27.28 0.26 8.23
N GLY A 146 26.16 -0.16 7.64
CA GLY A 146 26.13 -0.62 6.25
C GLY A 146 26.19 0.55 5.28
N ALA A 147 26.31 0.23 4.00
CA ALA A 147 26.37 1.25 2.95
C ALA A 147 25.20 2.25 3.00
N ALA A 148 23.97 1.75 3.07
CA ALA A 148 22.78 2.61 3.13
C ALA A 148 22.77 3.48 4.39
N HIS A 149 23.12 2.86 5.52
CA HIS A 149 23.23 3.58 6.80
C HIS A 149 24.25 4.71 6.73
N LYS A 150 25.40 4.44 6.10
CA LYS A 150 26.48 5.43 5.95
C LYS A 150 26.08 6.62 5.05
N ASP A 151 25.29 6.33 4.02
CA ASP A 151 24.77 7.36 3.12
C ASP A 151 23.89 8.36 3.87
N GLY A 152 22.93 7.85 4.65
CA GLY A 152 22.11 8.68 5.53
C GLY A 152 20.77 9.11 4.96
N ARG A 153 20.47 8.68 3.73
CA ARG A 153 19.24 9.08 3.06
C ARG A 153 18.14 8.05 3.16
N LEU A 154 18.47 6.77 2.92
CA LEU A 154 17.50 5.68 2.92
C LEU A 154 16.96 5.37 4.32
N GLN A 155 15.64 5.30 4.44
CA GLN A 155 14.97 5.12 5.74
C GLN A 155 13.99 3.95 5.75
N ILE A 156 13.66 3.47 6.94
CA ILE A 156 12.60 2.44 7.14
C ILE A 156 11.30 2.93 6.51
N GLY A 157 10.63 2.05 5.77
CA GLY A 157 9.33 2.37 5.17
C GLY A 157 9.43 3.00 3.79
N ASP A 158 10.65 3.19 3.31
CA ASP A 158 10.90 3.68 1.96
C ASP A 158 10.53 2.64 0.91
N LYS A 159 10.15 3.12 -0.26
CA LYS A 159 9.75 2.28 -1.37
C LYS A 159 10.88 2.27 -2.41
N ILE A 160 11.31 1.08 -2.86
CA ILE A 160 12.23 0.99 -4.00
C ILE A 160 11.44 0.89 -5.30
N LEU A 161 11.54 1.93 -6.14
CA LEU A 161 10.77 1.99 -7.38
C LEU A 161 11.55 1.41 -8.56
N ALA A 162 12.88 1.53 -8.51
CA ALA A 162 13.76 1.09 -9.59
C ALA A 162 15.17 0.82 -9.07
N VAL A 163 15.82 -0.19 -9.66
CA VAL A 163 17.26 -0.46 -9.44
C VAL A 163 17.97 -0.26 -10.78
N ASN A 164 18.82 0.77 -10.85
CA ASN A 164 19.37 1.25 -12.11
C ASN A 164 18.22 1.48 -13.10
N SER A 165 18.20 0.75 -14.21
CA SER A 165 17.15 0.89 -15.23
C SER A 165 15.95 -0.05 -15.07
N VAL A 166 16.00 -0.93 -14.07
CA VAL A 166 14.96 -1.94 -13.90
C VAL A 166 13.90 -1.51 -12.87
N GLY A 167 12.66 -1.35 -13.34
CA GLY A 167 11.54 -0.94 -12.49
C GLY A 167 10.99 -2.07 -11.64
N LEU A 168 10.61 -1.75 -10.40
CA LEU A 168 10.05 -2.76 -9.49
C LEU A 168 8.57 -2.52 -9.19
N GLU A 169 7.84 -2.06 -10.21
CA GLU A 169 6.40 -1.83 -10.11
C GLU A 169 5.63 -3.11 -10.41
N ASP A 170 4.86 -3.57 -9.43
CA ASP A 170 4.08 -4.81 -9.52
C ASP A 170 4.92 -6.03 -9.95
N VAL A 171 6.00 -6.30 -9.21
CA VAL A 171 6.85 -7.47 -9.44
C VAL A 171 6.79 -8.43 -8.25
N MET A 172 7.24 -9.67 -8.46
CA MET A 172 7.36 -10.65 -7.38
C MET A 172 8.51 -10.26 -6.45
N HIS A 173 8.43 -10.67 -5.19
CA HIS A 173 9.52 -10.42 -4.23
C HIS A 173 10.85 -10.96 -4.74
N GLU A 174 10.81 -12.19 -5.27
CA GLU A 174 11.98 -12.85 -5.85
C GLU A 174 12.65 -12.05 -6.98
N ASP A 175 11.85 -11.35 -7.79
CA ASP A 175 12.35 -10.53 -8.90
C ASP A 175 13.05 -9.26 -8.40
N ALA A 176 12.59 -8.75 -7.27
CA ALA A 176 13.21 -7.58 -6.64
C ALA A 176 14.59 -7.92 -6.08
N VAL A 177 14.68 -9.08 -5.42
CA VAL A 177 15.96 -9.60 -4.91
C VAL A 177 16.94 -9.88 -6.06
N ALA A 178 16.42 -10.41 -7.17
CA ALA A 178 17.22 -10.69 -8.37
C ALA A 178 17.77 -9.43 -9.04
N ALA A 179 16.95 -8.38 -9.09
CA ALA A 179 17.37 -7.07 -9.64
C ALA A 179 18.48 -6.42 -8.80
N LEU A 180 18.37 -6.56 -7.48
CA LEU A 180 19.38 -6.01 -6.55
C LEU A 180 20.69 -6.79 -6.60
N LYS A 181 20.58 -8.10 -6.87
CA LYS A 181 21.74 -8.96 -7.01
C LYS A 181 22.48 -8.74 -8.34
N ASN A 182 21.72 -8.56 -9.41
CA ASN A 182 22.31 -8.35 -10.74
C ASN A 182 22.78 -6.92 -10.93
N THR A 183 23.75 -6.52 -10.12
CA THR A 183 24.31 -5.16 -10.16
C THR A 183 25.83 -5.19 -10.14
N TYR A 184 26.44 -4.04 -10.45
CA TYR A 184 27.86 -3.83 -10.20
C TYR A 184 28.01 -3.25 -8.79
N ASP A 185 29.20 -2.72 -8.49
CA ASP A 185 29.50 -2.20 -7.15
C ASP A 185 28.79 -0.88 -6.84
N VAL A 186 28.57 -0.05 -7.87
CA VAL A 186 27.81 1.19 -7.70
C VAL A 186 26.40 1.01 -8.26
N VAL A 187 25.40 1.26 -7.42
CA VAL A 187 24.00 1.02 -7.73
C VAL A 187 23.19 2.33 -7.61
N TYR A 188 22.34 2.56 -8.60
CA TYR A 188 21.46 3.73 -8.61
C TYR A 188 20.03 3.29 -8.29
N LEU A 189 19.47 3.80 -7.20
CA LEU A 189 18.13 3.42 -6.74
C LEU A 189 17.15 4.59 -6.82
N LYS A 190 15.96 4.32 -7.35
CA LYS A 190 14.90 5.33 -7.34
C LYS A 190 14.00 4.99 -6.16
N VAL A 191 13.76 5.98 -5.30
CA VAL A 191 13.12 5.75 -4.01
C VAL A 191 11.99 6.74 -3.80
N ALA A 192 10.93 6.31 -3.11
CA ALA A 192 9.83 7.19 -2.73
C ALA A 192 9.73 7.30 -1.20
N LYS A 193 9.73 8.53 -0.70
CA LYS A 193 9.62 8.80 0.74
C LYS A 193 8.24 9.34 1.09
N PRO A 194 7.62 8.79 2.15
CA PRO A 194 6.32 9.30 2.61
C PRO A 194 6.44 10.55 3.47
N1 GSH B . -21.20 9.51 -14.03
CA1 GSH B . -22.30 8.62 -13.73
C1 GSH B . -23.46 9.38 -13.12
O11 GSH B . -24.26 8.80 -12.35
O12 GSH B . -23.59 10.60 -13.40
CB1 GSH B . -21.82 7.46 -12.84
CG1 GSH B . -21.22 7.86 -11.49
CD1 GSH B . -21.77 6.94 -10.44
OE1 GSH B . -21.26 5.84 -10.26
N2 GSH B . -22.83 7.40 -9.76
CA2 GSH B . -23.30 6.94 -8.47
C2 GSH B . -24.05 5.64 -8.56
O2 GSH B . -25.24 5.56 -8.29
CB2 GSH B . -24.20 7.99 -7.83
SG2 GSH B . -23.97 9.67 -8.48
N3 GSH B . -23.33 4.59 -8.97
CA3 GSH B . -23.80 3.22 -8.78
C3 GSH B . -24.64 2.76 -9.94
O31 GSH B . -25.88 2.85 -9.85
O32 GSH B . -24.06 2.30 -10.95
#